data_6MTF
#
_entry.id   6MTF
#
_cell.length_a   143.890
_cell.length_b   101.560
_cell.length_c   33.590
_cell.angle_alpha   90.000
_cell.angle_beta   90.000
_cell.angle_gamma   90.000
#
_symmetry.space_group_name_H-M   'P 21 21 2'
#
loop_
_entity.id
_entity.type
_entity.pdbx_description
1 polymer '26.7 kDa salivary protein'
2 non-polymer 'FRAGMENT OF TRITON X-100'
3 water water
#
_entity_poly.entity_id   1
_entity_poly.type   'polypeptide(L)'
_entity_poly.pdbx_seq_one_letter_code
;MWRYPRNADQTFWAFRTCQRQSEGAKSLREWYRWNLPNDEDTHCYVKCVWLHLGLYNEQNKSLRVDRIMEQFNSRSVAIP
GGINTISGPTDGTCKDIYDKTINFFNNNVNDLRTAFYGIKKLSDEWFTQNSNTKPKGTKISDFCNAENREKGGADCQHAC
SAYYYRLVDEDNEPIHFRNLNILGITDEQFASCVKASKNKQGCKVADTMYNCVEKHNSQALKILDNQSPTY
;
_entity_poly.pdbx_strand_id   A,B
#
loop_
_chem_comp.id
_chem_comp.type
_chem_comp.name
_chem_comp.formula
TRT non-polymer 'FRAGMENT OF TRITON X-100' 'C21 H36 O4'
#
# COMPACT_ATOMS: atom_id res chain seq x y z
N MET A 1 -3.01 6.52 -16.06
CA MET A 1 -3.46 5.23 -16.58
C MET A 1 -4.14 4.43 -15.49
N TRP A 2 -5.22 3.77 -15.84
CA TRP A 2 -6.00 3.07 -14.82
C TRP A 2 -5.26 1.82 -14.36
N ARG A 3 -5.43 1.50 -13.08
CA ARG A 3 -4.84 0.32 -12.47
C ARG A 3 -5.91 -0.70 -12.14
N TYR A 4 -5.55 -1.96 -12.25
CA TYR A 4 -6.45 -3.09 -12.02
C TYR A 4 -5.75 -4.10 -11.12
N PRO A 5 -6.51 -4.80 -10.27
CA PRO A 5 -7.96 -4.74 -10.12
C PRO A 5 -8.41 -3.44 -9.44
N ARG A 6 -9.71 -3.17 -9.44
CA ARG A 6 -10.26 -2.01 -8.76
C ARG A 6 -10.45 -2.32 -7.28
N ASN A 7 -10.09 -1.36 -6.42
CA ASN A 7 -10.17 -1.57 -4.99
C ASN A 7 -11.54 -1.12 -4.48
N ALA A 8 -11.80 -1.30 -3.18
CA ALA A 8 -13.16 -1.07 -2.68
C ALA A 8 -13.51 0.42 -2.67
N ASP A 9 -12.53 1.30 -2.52
CA ASP A 9 -12.82 2.72 -2.63
C ASP A 9 -13.13 3.09 -4.06
N GLN A 10 -12.39 2.50 -5.02
CA GLN A 10 -12.61 2.81 -6.43
C GLN A 10 -13.95 2.30 -6.92
N THR A 11 -14.39 1.12 -6.46
CA THR A 11 -15.71 0.64 -6.88
C THR A 11 -16.81 1.46 -6.22
N PHE A 12 -16.65 1.77 -4.93
CA PHE A 12 -17.61 2.61 -4.21
C PHE A 12 -17.79 3.95 -4.92
N TRP A 13 -16.68 4.60 -5.31
CA TRP A 13 -16.75 5.88 -6.00
C TRP A 13 -17.55 5.77 -7.31
N ALA A 14 -17.32 4.71 -8.07
CA ALA A 14 -18.04 4.56 -9.33
C ALA A 14 -19.54 4.43 -9.11
N PHE A 15 -19.95 3.57 -8.17
CA PHE A 15 -21.37 3.41 -7.86
C PHE A 15 -21.99 4.73 -7.41
N ARG A 16 -21.38 5.38 -6.42
CA ARG A 16 -21.98 6.58 -5.85
C ARG A 16 -22.00 7.73 -6.83
N THR A 17 -20.91 7.92 -7.58
CA THR A 17 -20.89 9.02 -8.56
C THR A 17 -21.97 8.82 -9.61
N CYS A 18 -22.12 7.58 -10.09
CA CYS A 18 -23.16 7.34 -11.08
C CYS A 18 -24.55 7.48 -10.49
N GLN A 19 -24.75 7.09 -9.23
CA GLN A 19 -26.04 7.31 -8.58
C GLN A 19 -26.37 8.79 -8.47
N ARG A 20 -25.37 9.63 -8.15
CA ARG A 20 -25.61 11.07 -8.08
C ARG A 20 -25.97 11.64 -9.44
N GLN A 21 -25.34 11.14 -10.51
CA GLN A 21 -25.62 11.64 -11.84
C GLN A 21 -27.01 11.24 -12.34
N SER A 22 -27.65 10.25 -11.71
CA SER A 22 -29.02 9.86 -12.04
C SER A 22 -29.91 9.90 -10.82
N GLU A 23 -29.76 10.94 -9.98
CA GLU A 23 -30.41 10.91 -8.68
C GLU A 23 -31.93 11.07 -8.76
N GLY A 24 -32.45 11.62 -9.86
CA GLY A 24 -33.90 11.69 -10.03
C GLY A 24 -34.55 10.45 -10.59
N ALA A 25 -33.80 9.36 -10.75
CA ALA A 25 -34.31 8.18 -11.43
C ALA A 25 -35.38 7.46 -10.61
N LYS A 26 -36.44 7.03 -11.31
CA LYS A 26 -37.51 6.27 -10.64
C LYS A 26 -36.97 5.03 -9.94
N SER A 27 -35.95 4.39 -10.52
CA SER A 27 -35.47 3.10 -10.02
C SER A 27 -34.29 3.22 -9.04
N LEU A 28 -33.98 4.43 -8.56
CA LEU A 28 -32.84 4.59 -7.66
C LEU A 28 -32.89 3.62 -6.49
N ARG A 29 -34.07 3.46 -5.87
CA ARG A 29 -34.18 2.59 -4.70
C ARG A 29 -33.92 1.13 -5.08
N GLU A 30 -34.32 0.71 -6.27
CA GLU A 30 -34.03 -0.66 -6.70
C GLU A 30 -32.52 -0.88 -6.84
N TRP A 31 -31.80 0.11 -7.38
CA TRP A 31 -30.35 -0.02 -7.48
C TRP A 31 -29.71 -0.27 -6.12
N TYR A 32 -30.20 0.42 -5.08
CA TYR A 32 -29.68 0.23 -3.73
C TYR A 32 -29.77 -1.21 -3.27
N ARG A 33 -30.80 -1.95 -3.69
CA ARG A 33 -30.88 -3.36 -3.35
C ARG A 33 -30.47 -4.27 -4.51
N TRP A 34 -29.57 -3.78 -5.37
CA TRP A 34 -28.94 -4.60 -6.42
C TRP A 34 -29.96 -5.17 -7.39
N ASN A 35 -30.92 -4.34 -7.80
CA ASN A 35 -31.92 -4.68 -8.80
C ASN A 35 -31.87 -3.62 -9.88
N LEU A 36 -31.75 -4.05 -11.14
CA LEU A 36 -31.51 -3.13 -12.28
C LEU A 36 -32.67 -3.25 -13.26
N PRO A 37 -33.75 -2.51 -13.05
CA PRO A 37 -34.93 -2.66 -13.92
C PRO A 37 -34.64 -2.21 -15.34
N ASN A 38 -35.52 -2.64 -16.24
CA ASN A 38 -35.37 -2.36 -17.68
C ASN A 38 -36.01 -1.01 -17.99
N ASP A 39 -35.35 0.06 -17.57
CA ASP A 39 -35.79 1.41 -17.94
C ASP A 39 -34.58 2.23 -18.34
N GLU A 40 -34.86 3.32 -19.06
CA GLU A 40 -33.80 4.11 -19.69
C GLU A 40 -32.80 4.62 -18.67
N ASP A 41 -33.28 5.19 -17.56
CA ASP A 41 -32.34 5.71 -16.57
C ASP A 41 -31.44 4.61 -16.03
N THR A 42 -31.98 3.40 -15.83
CA THR A 42 -31.14 2.31 -15.36
C THR A 42 -30.12 1.88 -16.42
N HIS A 43 -30.54 1.84 -17.69
CA HIS A 43 -29.59 1.59 -18.77
C HIS A 43 -28.40 2.53 -18.66
N CYS A 44 -28.65 3.83 -18.48
CA CYS A 44 -27.55 4.77 -18.51
C CYS A 44 -26.75 4.76 -17.21
N TYR A 45 -27.41 4.43 -16.09
CA TYR A 45 -26.71 4.20 -14.83
C TYR A 45 -25.74 3.03 -14.97
N VAL A 46 -26.17 1.96 -15.63
CA VAL A 46 -25.32 0.79 -15.84
C VAL A 46 -24.13 1.15 -16.71
N LYS A 47 -24.37 1.87 -17.84
CA LYS A 47 -23.25 2.30 -18.68
C LYS A 47 -22.28 3.17 -17.89
N CYS A 48 -22.82 4.11 -17.12
CA CYS A 48 -21.99 4.97 -16.28
C CYS A 48 -21.08 4.17 -15.35
N VAL A 49 -21.61 3.12 -14.71
CA VAL A 49 -20.81 2.38 -13.74
C VAL A 49 -19.71 1.59 -14.45
N TRP A 50 -20.05 0.91 -15.55
CA TRP A 50 -19.00 0.24 -16.33
C TRP A 50 -17.90 1.22 -16.69
N LEU A 51 -18.27 2.41 -17.15
CA LEU A 51 -17.29 3.42 -17.53
C LEU A 51 -16.46 3.88 -16.32
N HIS A 52 -17.13 4.17 -15.21
CA HIS A 52 -16.46 4.76 -14.07
C HIS A 52 -15.65 3.73 -13.29
N LEU A 53 -15.89 2.45 -13.53
CA LEU A 53 -15.02 1.40 -13.00
C LEU A 53 -13.74 1.23 -13.80
N GLY A 54 -13.64 1.88 -14.97
CA GLY A 54 -12.52 1.64 -15.86
C GLY A 54 -12.68 0.42 -16.74
N LEU A 55 -13.90 -0.06 -16.91
CA LEU A 55 -14.14 -1.32 -17.61
C LEU A 55 -14.85 -1.14 -18.95
N TYR A 56 -14.96 0.08 -19.44
CA TYR A 56 -15.54 0.34 -20.75
C TYR A 56 -14.52 1.04 -21.62
N ASN A 57 -14.19 0.43 -22.75
CA ASN A 57 -13.21 0.97 -23.69
C ASN A 57 -13.97 1.86 -24.66
N GLU A 58 -13.86 3.17 -24.47
CA GLU A 58 -14.57 4.12 -25.32
C GLU A 58 -14.05 4.11 -26.75
N GLN A 59 -12.83 3.62 -26.99
CA GLN A 59 -12.27 3.63 -28.34
C GLN A 59 -12.91 2.58 -29.22
N ASN A 60 -13.10 1.36 -28.72
CA ASN A 60 -13.76 0.30 -29.48
C ASN A 60 -15.18 0.02 -29.01
N LYS A 61 -15.69 0.83 -28.07
CA LYS A 61 -17.07 0.73 -27.59
C LYS A 61 -17.38 -0.67 -27.09
N SER A 62 -16.42 -1.28 -26.39
CA SER A 62 -16.54 -2.64 -25.86
C SER A 62 -16.14 -2.67 -24.40
N LEU A 63 -16.68 -3.66 -23.69
CA LEU A 63 -16.24 -3.86 -22.31
C LEU A 63 -14.84 -4.44 -22.30
N ARG A 64 -14.08 -4.07 -21.26
CA ARG A 64 -12.74 -4.60 -21.01
C ARG A 64 -12.88 -5.96 -20.34
N VAL A 65 -13.27 -6.94 -21.16
CA VAL A 65 -13.48 -8.29 -20.66
C VAL A 65 -12.22 -8.82 -20.00
N ASP A 66 -11.04 -8.50 -20.54
CA ASP A 66 -9.80 -8.93 -19.91
C ASP A 66 -9.71 -8.43 -18.47
N ARG A 67 -10.06 -7.16 -18.23
CA ARG A 67 -9.97 -6.61 -16.89
C ARG A 67 -11.11 -7.08 -16.00
N ILE A 68 -12.29 -7.37 -16.57
CA ILE A 68 -13.37 -7.94 -15.78
C ILE A 68 -12.96 -9.29 -15.23
N MET A 69 -12.35 -10.12 -16.08
CA MET A 69 -11.88 -11.42 -15.66
C MET A 69 -10.77 -11.30 -14.62
N GLU A 70 -9.89 -10.31 -14.80
CA GLU A 70 -8.84 -10.06 -13.80
C GLU A 70 -9.45 -9.73 -12.44
N GLN A 71 -10.56 -8.99 -12.41
CA GLN A 71 -11.17 -8.66 -11.13
C GLN A 71 -11.59 -9.93 -10.40
N PHE A 72 -12.25 -10.85 -11.11
CA PHE A 72 -12.63 -12.13 -10.53
C PHE A 72 -11.41 -12.91 -10.05
N ASN A 73 -10.41 -13.06 -10.91
CA ASN A 73 -9.23 -13.82 -10.53
C ASN A 73 -8.55 -13.21 -9.32
N SER A 74 -8.40 -11.88 -9.30
CA SER A 74 -7.73 -11.23 -8.17
C SER A 74 -8.51 -11.41 -6.87
N ARG A 75 -9.83 -11.48 -6.94
CA ARG A 75 -10.67 -11.63 -5.77
C ARG A 75 -10.98 -13.09 -5.43
N SER A 76 -10.35 -14.04 -6.13
CA SER A 76 -10.57 -15.47 -5.90
C SER A 76 -12.04 -15.86 -6.07
N VAL A 77 -12.70 -15.29 -7.09
CA VAL A 77 -14.07 -15.65 -7.44
C VAL A 77 -14.03 -16.36 -8.79
N ALA A 78 -14.76 -17.46 -8.90
CA ALA A 78 -14.77 -18.24 -10.13
C ALA A 78 -15.25 -17.39 -11.29
N ILE A 79 -14.63 -17.59 -12.45
CA ILE A 79 -15.09 -16.85 -13.64
C ILE A 79 -16.52 -17.26 -13.97
N PRO A 80 -17.45 -16.33 -14.13
CA PRO A 80 -18.83 -16.72 -14.39
C PRO A 80 -19.06 -17.16 -15.83
N GLY A 81 -20.14 -17.90 -16.03
CA GLY A 81 -20.57 -18.23 -17.36
C GLY A 81 -21.14 -17.02 -18.06
N GLY A 82 -21.33 -17.14 -19.37
CA GLY A 82 -21.97 -16.09 -20.13
C GLY A 82 -21.10 -14.92 -20.49
N ILE A 83 -19.78 -15.10 -20.48
CA ILE A 83 -18.87 -14.00 -20.82
C ILE A 83 -19.02 -13.63 -22.29
N ASN A 84 -19.40 -14.59 -23.14
CA ASN A 84 -19.51 -14.28 -24.55
C ASN A 84 -20.52 -13.17 -24.80
N THR A 85 -21.62 -13.14 -24.02
CA THR A 85 -22.66 -12.14 -24.27
C THR A 85 -22.17 -10.73 -23.98
N ILE A 86 -21.32 -10.55 -22.96
CA ILE A 86 -20.84 -9.22 -22.64
C ILE A 86 -19.68 -8.78 -23.51
N SER A 87 -19.13 -9.67 -24.32
CA SER A 87 -17.94 -9.38 -25.11
C SER A 87 -18.32 -8.90 -26.51
N GLY A 88 -17.47 -8.08 -27.09
CA GLY A 88 -17.67 -7.62 -28.46
C GLY A 88 -18.24 -6.23 -28.48
N PRO A 89 -18.22 -5.60 -29.66
CA PRO A 89 -18.56 -4.16 -29.72
C PRO A 89 -20.03 -3.92 -29.46
N THR A 90 -20.31 -2.81 -28.78
CA THR A 90 -21.66 -2.27 -28.65
C THR A 90 -21.82 -1.12 -29.63
N ASP A 91 -23.06 -0.65 -29.77
CA ASP A 91 -23.30 0.53 -30.59
C ASP A 91 -23.15 1.83 -29.80
N GLY A 92 -22.68 1.75 -28.56
CA GLY A 92 -22.45 2.92 -27.75
C GLY A 92 -23.62 3.39 -26.90
N THR A 93 -24.84 2.93 -27.20
CA THR A 93 -25.99 3.39 -26.43
C THR A 93 -25.97 2.77 -25.05
N CYS A 94 -26.61 3.45 -24.10
CA CYS A 94 -26.85 2.84 -22.79
C CYS A 94 -27.66 1.56 -22.96
N LYS A 95 -28.67 1.60 -23.83
CA LYS A 95 -29.54 0.45 -24.02
C LYS A 95 -28.74 -0.79 -24.42
N ASP A 96 -27.85 -0.65 -25.42
CA ASP A 96 -27.10 -1.80 -25.90
C ASP A 96 -26.17 -2.33 -24.82
N ILE A 97 -25.47 -1.44 -24.11
CA ILE A 97 -24.56 -1.90 -23.07
C ILE A 97 -25.32 -2.61 -21.96
N TYR A 98 -26.48 -2.06 -21.59
CA TYR A 98 -27.34 -2.73 -20.63
C TYR A 98 -27.76 -4.11 -21.13
N ASP A 99 -28.24 -4.20 -22.38
CA ASP A 99 -28.75 -5.47 -22.89
C ASP A 99 -27.65 -6.52 -22.95
N LYS A 100 -26.42 -6.11 -23.23
CA LYS A 100 -25.31 -7.04 -23.30
C LYS A 100 -24.88 -7.54 -21.93
N THR A 101 -25.18 -6.79 -20.85
CA THR A 101 -24.68 -7.16 -19.53
C THR A 101 -25.76 -7.51 -18.50
N ILE A 102 -27.05 -7.34 -18.79
CA ILE A 102 -28.05 -7.52 -17.74
C ILE A 102 -28.14 -8.99 -17.31
N ASN A 103 -28.14 -9.93 -18.27
CA ASN A 103 -28.16 -11.34 -17.88
C ASN A 103 -26.90 -11.72 -17.12
N PHE A 104 -25.74 -11.22 -17.56
CA PHE A 104 -24.50 -11.45 -16.82
C PHE A 104 -24.63 -10.98 -15.38
N PHE A 105 -25.25 -9.81 -15.16
CA PHE A 105 -25.46 -9.34 -13.81
C PHE A 105 -26.45 -10.24 -13.06
N ASN A 106 -27.66 -10.41 -13.64
CA ASN A 106 -28.71 -11.15 -12.94
C ASN A 106 -28.29 -12.59 -12.62
N ASN A 107 -27.46 -13.20 -13.46
CA ASN A 107 -27.08 -14.59 -13.28
C ASN A 107 -25.87 -14.77 -12.36
N ASN A 108 -25.26 -13.68 -11.92
CA ASN A 108 -24.06 -13.78 -11.08
C ASN A 108 -24.03 -12.72 -10.00
N VAL A 109 -25.19 -12.36 -9.44
CA VAL A 109 -25.27 -11.14 -8.62
C VAL A 109 -24.28 -11.23 -7.45
N ASN A 110 -24.39 -12.28 -6.65
CA ASN A 110 -23.62 -12.32 -5.41
C ASN A 110 -22.12 -12.50 -5.67
N ASP A 111 -21.74 -13.24 -6.72
CA ASP A 111 -20.32 -13.30 -7.09
C ASP A 111 -19.82 -11.94 -7.57
N LEU A 112 -20.65 -11.22 -8.32
CA LEU A 112 -20.24 -9.88 -8.75
C LEU A 112 -20.13 -8.93 -7.56
N ARG A 113 -21.06 -9.03 -6.61
CA ARG A 113 -20.94 -8.22 -5.40
C ARG A 113 -19.67 -8.56 -4.65
N THR A 114 -19.31 -9.85 -4.59
CA THR A 114 -18.04 -10.22 -3.96
C THR A 114 -16.85 -9.61 -4.70
N ALA A 115 -16.80 -9.78 -6.02
CA ALA A 115 -15.63 -9.33 -6.78
C ALA A 115 -15.47 -7.81 -6.77
N PHE A 116 -16.57 -7.07 -6.63
CA PHE A 116 -16.52 -5.61 -6.69
C PHE A 116 -16.85 -4.95 -5.36
N TYR A 117 -16.64 -5.68 -4.25
CA TYR A 117 -16.79 -5.14 -2.89
C TYR A 117 -18.18 -4.57 -2.68
N GLY A 118 -19.19 -5.21 -3.27
CA GLY A 118 -20.57 -4.80 -3.12
C GLY A 118 -21.28 -5.41 -1.93
N ILE A 119 -20.49 -5.90 -0.96
CA ILE A 119 -20.99 -6.47 0.28
C ILE A 119 -20.38 -5.67 1.42
N LYS A 120 -21.21 -5.21 2.36
CA LYS A 120 -20.73 -4.31 3.42
C LYS A 120 -19.54 -4.91 4.16
N LYS A 121 -19.64 -6.17 4.56
CA LYS A 121 -18.56 -6.79 5.32
C LYS A 121 -17.26 -6.79 4.53
N LEU A 122 -17.33 -7.13 3.23
CA LEU A 122 -16.12 -7.19 2.42
C LEU A 122 -15.53 -5.82 2.18
N SER A 123 -16.39 -4.83 1.94
CA SER A 123 -15.92 -3.46 1.81
C SER A 123 -15.32 -2.95 3.13
N ASP A 124 -16.02 -3.17 4.24
CA ASP A 124 -15.51 -2.72 5.54
C ASP A 124 -14.15 -3.33 5.81
N GLU A 125 -13.95 -4.61 5.46
CA GLU A 125 -12.67 -5.26 5.68
C GLU A 125 -11.58 -4.61 4.83
N TRP A 126 -11.87 -4.35 3.56
CA TRP A 126 -10.88 -3.68 2.72
C TRP A 126 -10.44 -2.35 3.33
N PHE A 127 -11.40 -1.52 3.74
CA PHE A 127 -11.06 -0.20 4.27
C PHE A 127 -10.28 -0.30 5.57
N THR A 128 -10.71 -1.20 6.46
CA THR A 128 -9.98 -1.47 7.69
C THR A 128 -8.51 -1.78 7.41
N GLN A 129 -8.25 -2.56 6.38
CA GLN A 129 -6.92 -3.04 6.05
C GLN A 129 -6.17 -2.12 5.09
N ASN A 130 -6.74 -0.99 4.66
CA ASN A 130 -6.07 -0.04 3.79
C ASN A 130 -6.25 1.36 4.38
N SER A 131 -5.63 1.60 5.53
CA SER A 131 -5.82 2.86 6.24
C SER A 131 -5.22 4.06 5.50
N ASN A 132 -4.39 3.84 4.47
CA ASN A 132 -3.86 4.95 3.68
C ASN A 132 -4.82 5.42 2.59
N THR A 133 -6.06 4.93 2.59
CA THR A 133 -7.13 5.36 1.70
C THR A 133 -8.20 6.03 2.53
N LYS A 134 -8.76 7.12 2.00
CA LYS A 134 -9.80 7.88 2.66
C LYS A 134 -10.90 6.98 3.19
N PRO A 135 -11.15 6.95 4.50
CA PRO A 135 -12.21 6.10 5.03
C PRO A 135 -13.58 6.63 4.62
N LYS A 136 -14.54 5.71 4.54
CA LYS A 136 -15.93 6.11 4.47
C LYS A 136 -16.28 6.93 5.71
N GLY A 137 -17.04 8.00 5.51
CA GLY A 137 -17.40 8.88 6.59
C GLY A 137 -16.49 10.07 6.78
N THR A 138 -15.35 10.12 6.10
CA THR A 138 -14.40 11.22 6.22
C THR A 138 -14.37 12.03 4.93
N LYS A 139 -14.30 13.35 5.08
CA LYS A 139 -14.25 14.23 3.93
C LYS A 139 -12.87 14.20 3.28
N ILE A 140 -12.86 14.40 1.96
CA ILE A 140 -11.61 14.47 1.20
C ILE A 140 -10.68 15.51 1.83
N SER A 141 -11.19 16.71 2.10
CA SER A 141 -10.33 17.76 2.65
C SER A 141 -9.70 17.32 3.96
N ASP A 142 -10.50 16.74 4.86
CA ASP A 142 -9.99 16.34 6.17
C ASP A 142 -8.97 15.21 6.06
N PHE A 143 -9.18 14.28 5.12
CA PHE A 143 -8.22 13.21 4.92
C PHE A 143 -6.94 13.73 4.26
N CYS A 144 -7.09 14.47 3.17
CA CYS A 144 -5.93 14.95 2.43
C CYS A 144 -5.18 16.07 3.17
N ASN A 145 -5.84 16.79 4.09
CA ASN A 145 -5.13 17.77 4.91
C ASN A 145 -4.21 17.11 5.93
N ALA A 146 -4.35 15.81 6.16
CA ALA A 146 -3.55 15.09 7.13
C ALA A 146 -2.31 14.48 6.48
N GLU A 147 -1.26 14.29 7.29
CA GLU A 147 -0.05 13.57 6.88
C GLU A 147 0.61 14.19 5.66
N ASN A 148 0.45 15.51 5.50
CA ASN A 148 1.06 16.27 4.38
C ASN A 148 0.75 15.64 3.02
N ARG A 149 -0.45 15.05 2.88
CA ARG A 149 -0.78 14.35 1.65
C ARG A 149 -0.87 15.29 0.45
N GLU A 150 -1.29 16.55 0.65
CA GLU A 150 -1.49 17.42 -0.50
C GLU A 150 -0.20 17.75 -1.21
N LYS A 151 0.94 17.64 -0.52
CA LYS A 151 2.24 17.90 -1.13
C LYS A 151 2.59 16.87 -2.20
N GLY A 152 1.95 15.70 -2.19
CA GLY A 152 2.22 14.66 -3.15
C GLY A 152 3.62 14.09 -3.06
N GLY A 153 4.23 14.17 -1.88
CA GLY A 153 5.63 13.81 -1.75
C GLY A 153 6.59 14.82 -2.37
N ALA A 154 6.08 15.96 -2.82
CA ALA A 154 6.92 16.99 -3.42
C ALA A 154 6.51 18.36 -2.91
N ASP A 155 6.18 19.28 -3.82
CA ASP A 155 5.86 20.66 -3.48
C ASP A 155 4.43 21.03 -3.87
N CYS A 156 3.57 20.05 -4.07
CA CYS A 156 2.25 20.33 -4.61
C CYS A 156 1.31 20.85 -3.54
N GLN A 157 0.11 21.27 -3.96
CA GLN A 157 -0.88 21.85 -3.05
C GLN A 157 -2.20 21.12 -3.03
N HIS A 158 -2.51 20.31 -4.05
CA HIS A 158 -3.78 19.62 -4.13
C HIS A 158 -3.61 18.19 -4.65
N ALA A 159 -2.46 17.58 -4.37
CA ALA A 159 -2.17 16.29 -4.99
C ALA A 159 -3.17 15.22 -4.57
N CYS A 160 -3.54 15.22 -3.29
CA CYS A 160 -4.43 14.19 -2.75
C CYS A 160 -5.89 14.49 -3.10
N SER A 161 -6.30 15.75 -2.92
CA SER A 161 -7.68 16.13 -3.22
C SER A 161 -8.01 15.89 -4.69
N ALA A 162 -7.10 16.23 -5.59
CA ALA A 162 -7.38 16.03 -7.02
C ALA A 162 -7.62 14.56 -7.34
N TYR A 163 -6.89 13.66 -6.66
CA TYR A 163 -7.14 12.23 -6.85
C TYR A 163 -8.53 11.85 -6.37
N TYR A 164 -8.89 12.24 -5.13
CA TYR A 164 -10.17 11.79 -4.60
C TYR A 164 -11.36 12.49 -5.25
N TYR A 165 -11.19 13.69 -5.79
CA TYR A 165 -12.19 14.28 -6.65
C TYR A 165 -12.26 13.62 -8.02
N ARG A 166 -11.34 12.69 -8.30
CA ARG A 166 -11.19 12.04 -9.61
C ARG A 166 -11.02 13.06 -10.74
N LEU A 167 -10.22 14.09 -10.46
CA LEU A 167 -9.69 14.91 -11.55
C LEU A 167 -8.52 14.23 -12.23
N VAL A 168 -7.72 13.45 -11.48
CA VAL A 168 -6.61 12.67 -12.00
C VAL A 168 -6.66 11.29 -11.35
N ASP A 169 -5.98 10.33 -11.99
CA ASP A 169 -5.95 8.98 -11.45
C ASP A 169 -4.68 8.80 -10.60
N GLU A 170 -4.41 7.56 -10.19
CA GLU A 170 -3.23 7.28 -9.37
C GLU A 170 -1.92 7.66 -10.08
N ASP A 171 -1.94 7.75 -11.40
CA ASP A 171 -0.77 8.16 -12.18
C ASP A 171 -0.66 9.66 -12.39
N ASN A 172 -1.54 10.46 -11.78
CA ASN A 172 -1.63 11.88 -12.08
C ASN A 172 -1.89 12.12 -13.56
N GLU A 173 -2.63 11.26 -14.17
CA GLU A 173 -3.17 11.45 -15.49
C GLU A 173 -4.60 11.93 -15.38
N PRO A 174 -5.03 12.96 -16.12
CA PRO A 174 -6.41 13.43 -15.99
C PRO A 174 -7.40 12.34 -16.38
N ILE A 175 -8.55 12.37 -15.71
CA ILE A 175 -9.63 11.41 -15.99
C ILE A 175 -10.55 12.08 -17.00
N HIS A 176 -10.41 11.67 -18.27
CA HIS A 176 -10.93 12.45 -19.40
C HIS A 176 -12.46 12.49 -19.43
N PHE A 177 -13.11 11.45 -18.91
CA PHE A 177 -14.56 11.31 -19.05
C PHE A 177 -15.34 11.92 -17.88
N ARG A 178 -14.66 12.47 -16.88
CA ARG A 178 -15.31 13.03 -15.70
C ARG A 178 -16.39 14.03 -16.09
N ASN A 179 -17.54 13.90 -15.45
CA ASN A 179 -18.73 14.71 -15.72
C ASN A 179 -18.99 15.56 -14.48
N LEU A 180 -18.69 16.86 -14.58
CA LEU A 180 -19.03 17.79 -13.51
C LEU A 180 -20.12 18.79 -13.94
N ASN A 181 -20.95 18.43 -14.91
CA ASN A 181 -21.92 19.37 -15.46
C ASN A 181 -22.84 19.93 -14.38
N ILE A 182 -23.36 19.06 -13.51
CA ILE A 182 -24.29 19.50 -12.47
C ILE A 182 -23.63 20.47 -11.51
N LEU A 183 -22.31 20.44 -11.39
CA LEU A 183 -21.56 21.35 -10.54
C LEU A 183 -21.20 22.65 -11.23
N GLY A 184 -21.67 22.86 -12.46
CA GLY A 184 -21.41 24.08 -13.18
C GLY A 184 -20.17 24.05 -14.06
N ILE A 185 -19.61 22.89 -14.33
CA ILE A 185 -18.43 22.73 -15.20
C ILE A 185 -18.91 22.04 -16.48
N THR A 186 -18.94 22.77 -17.59
CA THR A 186 -19.39 22.15 -18.83
C THR A 186 -18.34 21.19 -19.36
N ASP A 187 -18.73 20.40 -20.36
CA ASP A 187 -17.78 19.47 -20.98
C ASP A 187 -16.61 20.24 -21.60
N GLU A 188 -16.89 21.37 -22.25
CA GLU A 188 -15.84 22.17 -22.86
C GLU A 188 -14.87 22.72 -21.80
N GLN A 189 -15.41 23.15 -20.66
CA GLN A 189 -14.55 23.67 -19.61
C GLN A 189 -13.68 22.58 -19.04
N PHE A 190 -14.25 21.40 -18.80
CA PHE A 190 -13.44 20.32 -18.26
C PHE A 190 -12.36 19.91 -19.25
N ALA A 191 -12.75 19.78 -20.53
CA ALA A 191 -11.76 19.45 -21.57
C ALA A 191 -10.61 20.46 -21.59
N SER A 192 -10.92 21.75 -21.40
CA SER A 192 -9.85 22.73 -21.42
C SER A 192 -8.90 22.54 -20.24
N CYS A 193 -9.42 22.12 -19.09
CA CYS A 193 -8.55 21.78 -17.96
C CYS A 193 -7.66 20.58 -18.27
N VAL A 194 -8.23 19.52 -18.85
CA VAL A 194 -7.43 18.37 -19.28
C VAL A 194 -6.31 18.81 -20.21
N LYS A 195 -6.65 19.63 -21.20
CA LYS A 195 -5.64 20.08 -22.16
C LYS A 195 -4.58 20.95 -21.49
N ALA A 196 -4.99 21.82 -20.57
CA ALA A 196 -4.02 22.68 -19.90
C ALA A 196 -3.08 21.88 -19.00
N SER A 197 -3.53 20.72 -18.53
CA SER A 197 -2.72 19.83 -17.71
C SER A 197 -2.01 18.80 -18.56
N ASN A 199 0.97 19.14 -20.42
CA ASN A 199 2.35 18.67 -20.46
C ASN A 199 3.00 18.69 -19.07
N LYS A 200 2.19 18.98 -18.05
CA LYS A 200 2.71 18.98 -16.70
C LYS A 200 3.11 17.57 -16.27
N GLN A 201 3.89 17.48 -15.21
CA GLN A 201 4.39 16.19 -14.76
C GLN A 201 4.20 16.05 -13.25
N GLY A 202 3.94 14.82 -12.84
CA GLY A 202 3.74 14.52 -11.43
C GLY A 202 2.46 15.15 -10.90
N CYS A 203 2.49 15.51 -9.62
CA CYS A 203 1.31 16.09 -9.00
C CYS A 203 1.02 17.50 -9.48
N LYS A 204 1.90 18.10 -10.28
CA LYS A 204 1.56 19.37 -10.91
C LYS A 204 0.38 19.23 -11.87
N VAL A 205 0.21 18.05 -12.46
CA VAL A 205 -1.00 17.80 -13.24
C VAL A 205 -2.23 17.90 -12.35
N ALA A 206 -2.15 17.29 -11.16
CA ALA A 206 -3.25 17.36 -10.20
C ALA A 206 -3.54 18.80 -9.79
N ASP A 207 -2.49 19.56 -9.46
CA ASP A 207 -2.68 20.95 -9.07
C ASP A 207 -3.27 21.77 -10.22
N THR A 208 -2.81 21.51 -11.45
CA THR A 208 -3.31 22.27 -12.59
C THR A 208 -4.79 21.96 -12.83
N MET A 209 -5.18 20.69 -12.71
CA MET A 209 -6.58 20.34 -12.85
C MET A 209 -7.42 20.97 -11.75
N TYR A 210 -6.96 20.88 -10.50
CA TYR A 210 -7.69 21.46 -9.38
C TYR A 210 -7.90 22.96 -9.59
N ASN A 211 -6.82 23.70 -9.85
CA ASN A 211 -6.91 25.15 -9.99
C ASN A 211 -7.78 25.55 -11.18
N CYS A 212 -7.68 24.79 -12.27
CA CYS A 212 -8.48 25.11 -13.45
C CYS A 212 -9.97 24.91 -13.18
N VAL A 213 -10.33 23.80 -12.55
CA VAL A 213 -11.73 23.56 -12.21
C VAL A 213 -12.25 24.65 -11.27
N GLU A 214 -11.48 24.96 -10.22
CA GLU A 214 -11.90 25.99 -9.28
C GLU A 214 -12.09 27.33 -9.97
N LYS A 215 -11.24 27.63 -10.96
CA LYS A 215 -11.34 28.89 -11.69
C LYS A 215 -12.66 28.99 -12.44
N HIS A 216 -13.11 27.88 -13.04
CA HIS A 216 -14.38 27.89 -13.75
C HIS A 216 -15.56 28.06 -12.81
N ASN A 217 -15.56 27.32 -11.69
CA ASN A 217 -16.66 27.45 -10.72
C ASN A 217 -16.10 27.19 -9.32
N SER A 218 -16.11 28.23 -8.48
CA SER A 218 -15.47 28.16 -7.18
C SER A 218 -16.18 27.22 -6.22
N GLN A 219 -17.43 26.84 -6.50
CA GLN A 219 -18.18 25.99 -5.59
C GLN A 219 -18.11 24.52 -5.96
N ALA A 220 -17.74 24.19 -7.20
CA ALA A 220 -17.85 22.81 -7.66
C ALA A 220 -17.06 21.85 -6.77
N LEU A 221 -15.79 22.16 -6.51
CA LEU A 221 -15.00 21.26 -5.68
C LEU A 221 -15.44 21.29 -4.22
N LYS A 222 -16.01 22.41 -3.77
CA LYS A 222 -16.58 22.43 -2.43
C LYS A 222 -17.76 21.47 -2.32
N ILE A 223 -18.56 21.36 -3.39
CA ILE A 223 -19.69 20.44 -3.38
C ILE A 223 -19.21 18.99 -3.35
N LEU A 224 -18.20 18.65 -4.17
CA LEU A 224 -17.65 17.31 -4.12
C LEU A 224 -17.10 16.98 -2.75
N ASP A 225 -16.45 17.95 -2.11
CA ASP A 225 -15.94 17.71 -0.77
C ASP A 225 -17.09 17.49 0.21
N ASN A 226 -18.13 18.32 0.12
CA ASN A 226 -19.33 18.14 0.95
C ASN A 226 -19.95 16.77 0.77
N GLN A 227 -19.98 16.26 -0.47
CA GLN A 227 -20.51 14.94 -0.77
C GLN A 227 -19.55 13.81 -0.41
N SER A 228 -18.29 14.11 -0.14
CA SER A 228 -17.27 13.07 -0.12
C SER A 228 -17.28 12.08 1.05
N PRO A 229 -17.94 12.35 2.20
CA PRO A 229 -17.90 11.34 3.26
C PRO A 229 -18.32 9.96 2.79
N THR A 230 -19.35 9.88 1.94
CA THR A 230 -19.75 8.65 1.28
C THR A 230 -19.81 8.81 -0.23
N TYR A 231 -19.18 9.86 -0.76
CA TYR A 231 -19.27 10.23 -2.18
C TYR A 231 -20.72 10.52 -2.56
N MET B 1 17.88 -18.51 6.59
CA MET B 1 19.01 -17.71 6.16
C MET B 1 18.52 -16.48 5.42
N TRP B 2 19.23 -15.38 5.57
CA TRP B 2 18.76 -14.10 5.06
C TRP B 2 18.96 -13.98 3.56
N ARG B 3 18.03 -13.30 2.90
CA ARG B 3 18.06 -13.11 1.46
C ARG B 3 18.44 -11.67 1.13
N TYR B 4 19.22 -11.50 0.07
CA TYR B 4 19.70 -10.21 -0.34
C TYR B 4 19.37 -10.02 -1.81
N PRO B 5 19.11 -8.77 -2.26
CA PRO B 5 19.16 -7.52 -1.49
C PRO B 5 17.99 -7.35 -0.51
N ARG B 6 18.09 -6.41 0.43
CA ARG B 6 16.99 -6.15 1.35
C ARG B 6 15.95 -5.26 0.68
N ASN B 7 14.67 -5.60 0.86
CA ASN B 7 13.62 -4.87 0.18
C ASN B 7 13.11 -3.73 1.08
N ALA B 8 12.14 -2.96 0.58
CA ALA B 8 11.75 -1.74 1.28
C ALA B 8 11.04 -2.04 2.60
N ASP B 9 10.37 -3.19 2.70
CA ASP B 9 9.77 -3.56 3.98
C ASP B 9 10.83 -3.97 4.98
N GLN B 10 11.84 -4.71 4.50
CA GLN B 10 12.88 -5.20 5.40
C GLN B 10 13.75 -4.07 5.93
N THR B 11 14.01 -3.04 5.09
CA THR B 11 14.79 -1.91 5.57
C THR B 11 13.97 -1.07 6.54
N PHE B 12 12.72 -0.77 6.17
CA PHE B 12 11.80 -0.05 7.06
C PHE B 12 11.72 -0.72 8.43
N TRP B 13 11.55 -2.05 8.43
CA TRP B 13 11.45 -2.74 9.71
C TRP B 13 12.72 -2.58 10.55
N ALA B 14 13.89 -2.66 9.91
CA ALA B 14 15.13 -2.49 10.67
C ALA B 14 15.24 -1.09 11.27
N PHE B 15 14.94 -0.04 10.49
CA PHE B 15 15.00 1.32 11.02
C PHE B 15 14.04 1.50 12.19
N ARG B 16 12.77 1.11 12.00
CA ARG B 16 11.75 1.35 13.01
C ARG B 16 12.01 0.54 14.27
N THR B 17 12.40 -0.73 14.12
CA THR B 17 12.66 -1.56 15.30
C THR B 17 13.81 -0.99 16.12
N CYS B 18 14.88 -0.56 15.46
CA CYS B 18 16.01 0.00 16.20
C CYS B 18 15.63 1.36 16.82
N GLN B 19 14.79 2.14 16.16
CA GLN B 19 14.34 3.39 16.76
C GLN B 19 13.52 3.13 18.01
N ARG B 20 12.67 2.10 17.99
CA ARG B 20 11.87 1.78 19.17
C ARG B 20 12.75 1.29 20.32
N GLN B 21 13.78 0.51 20.01
CA GLN B 21 14.68 0.03 21.06
C GLN B 21 15.51 1.14 21.66
N SER B 22 15.59 2.31 21.03
CA SER B 22 16.27 3.46 21.60
C SER B 22 15.36 4.68 21.64
N GLU B 23 14.08 4.49 21.98
CA GLU B 23 13.12 5.58 21.82
C GLU B 23 13.32 6.73 22.80
N GLY B 24 14.07 6.53 23.88
CA GLY B 24 14.36 7.64 24.76
C GLY B 24 15.57 8.46 24.40
N ALA B 25 16.25 8.13 23.29
CA ALA B 25 17.52 8.79 22.97
C ALA B 25 17.31 10.27 22.68
N LYS B 26 18.22 11.09 23.21
CA LYS B 26 18.16 12.52 22.92
C LYS B 26 18.21 12.78 21.42
N SER B 27 18.93 11.97 20.66
CA SER B 27 19.16 12.25 19.24
C SER B 27 18.11 11.62 18.32
N LEU B 28 17.03 11.05 18.87
CA LEU B 28 16.02 10.41 18.03
C LEU B 28 15.57 11.31 16.88
N ARG B 29 15.25 12.58 17.18
CA ARG B 29 14.76 13.48 16.14
C ARG B 29 15.77 13.65 15.01
N GLU B 30 17.07 13.64 15.35
CA GLU B 30 18.08 13.83 14.33
C GLU B 30 18.15 12.63 13.40
N TRP B 31 18.02 11.42 13.94
CA TRP B 31 17.98 10.24 13.10
C TRP B 31 16.88 10.34 12.05
N TYR B 32 15.71 10.88 12.46
CA TYR B 32 14.60 11.08 11.54
C TYR B 32 14.98 11.92 10.32
N ARG B 33 15.88 12.89 10.48
CA ARG B 33 16.35 13.64 9.32
C ARG B 33 17.72 13.17 8.87
N TRP B 34 18.01 11.87 9.06
CA TRP B 34 19.21 11.23 8.51
C TRP B 34 20.49 11.90 9.00
N ASN B 35 20.48 12.26 10.28
CA ASN B 35 21.65 12.84 10.93
C ASN B 35 22.01 11.93 12.10
N LEU B 36 23.27 11.51 12.17
CA LEU B 36 23.72 10.53 13.17
C LEU B 36 24.78 11.18 14.06
N PRO B 37 24.37 11.85 15.14
CA PRO B 37 25.34 12.54 16.00
C PRO B 37 26.28 11.58 16.72
N ASN B 38 27.39 12.15 17.20
CA ASN B 38 28.45 11.38 17.84
C ASN B 38 28.14 11.21 19.34
N ASP B 39 27.14 10.37 19.63
CA ASP B 39 26.83 10.05 21.02
C ASP B 39 26.51 8.56 21.16
N GLU B 40 26.55 8.07 22.41
CA GLU B 40 26.47 6.63 22.64
C GLU B 40 25.18 6.06 22.07
N ASP B 41 24.05 6.70 22.33
CA ASP B 41 22.78 6.15 21.85
C ASP B 41 22.79 6.03 20.33
N THR B 42 23.34 7.04 19.63
CA THR B 42 23.42 6.94 18.18
C THR B 42 24.36 5.82 17.75
N HIS B 43 25.50 5.68 18.42
CA HIS B 43 26.43 4.58 18.11
C HIS B 43 25.70 3.24 18.13
N CYS B 44 24.92 3.00 19.18
CA CYS B 44 24.29 1.69 19.31
C CYS B 44 23.06 1.56 18.42
N TYR B 45 22.40 2.69 18.12
CA TYR B 45 21.35 2.69 17.10
C TYR B 45 21.91 2.29 15.74
N VAL B 46 23.08 2.82 15.40
CA VAL B 46 23.71 2.47 14.13
C VAL B 46 24.10 1.00 14.10
N LYS B 47 24.70 0.50 15.19
CA LYS B 47 25.02 -0.93 15.24
C LYS B 47 23.76 -1.76 15.06
N CYS B 48 22.70 -1.40 15.77
CA CYS B 48 21.42 -2.09 15.67
C CYS B 48 20.91 -2.17 14.24
N VAL B 49 21.00 -1.05 13.50
CA VAL B 49 20.46 -1.05 12.14
C VAL B 49 21.30 -1.93 11.22
N TRP B 50 22.63 -1.83 11.30
CA TRP B 50 23.48 -2.73 10.52
C TRP B 50 23.10 -4.19 10.78
N LEU B 51 22.94 -4.54 12.05
CA LEU B 51 22.54 -5.90 12.44
C LEU B 51 21.17 -6.26 11.89
N HIS B 52 20.18 -5.41 12.13
CA HIS B 52 18.81 -5.75 11.75
C HIS B 52 18.57 -5.69 10.25
N LEU B 53 19.47 -5.07 9.49
CA LEU B 53 19.44 -5.17 8.04
C LEU B 53 20.00 -6.50 7.54
N GLY B 54 20.67 -7.26 8.40
CA GLY B 54 21.34 -8.47 7.97
C GLY B 54 22.76 -8.25 7.47
N LEU B 55 23.39 -7.15 7.86
CA LEU B 55 24.65 -6.72 7.28
C LEU B 55 25.78 -6.70 8.30
N TYR B 56 25.56 -7.26 9.48
CA TYR B 56 26.61 -7.38 10.49
C TYR B 56 26.81 -8.85 10.78
N ASN B 57 28.04 -9.33 10.63
CA ASN B 57 28.38 -10.71 10.93
C ASN B 57 28.82 -10.79 12.39
N GLU B 58 27.96 -11.34 13.23
CA GLU B 58 28.27 -11.44 14.66
C GLU B 58 29.39 -12.44 14.95
N GLN B 59 29.66 -13.36 14.02
CA GLN B 59 30.70 -14.35 14.29
C GLN B 59 32.10 -13.78 14.08
N ASN B 60 32.31 -12.92 13.07
CA ASN B 60 33.60 -12.28 12.90
C ASN B 60 33.57 -10.79 13.23
N LYS B 61 32.44 -10.30 13.76
CA LYS B 61 32.31 -8.93 14.25
C LYS B 61 32.68 -7.92 13.17
N SER B 62 32.23 -8.18 11.95
CA SER B 62 32.53 -7.33 10.80
C SER B 62 31.26 -7.11 9.99
N LEU B 63 31.24 -5.98 9.29
CA LEU B 63 30.17 -5.73 8.34
C LEU B 63 30.25 -6.72 7.18
N ARG B 64 29.10 -7.10 6.65
CA ARG B 64 29.00 -7.96 5.47
C ARG B 64 29.20 -7.07 4.25
N VAL B 65 30.47 -6.75 3.96
CA VAL B 65 30.77 -5.87 2.84
C VAL B 65 30.29 -6.47 1.53
N ASP B 66 30.35 -7.81 1.40
CA ASP B 66 29.86 -8.44 0.17
C ASP B 66 28.38 -8.10 -0.06
N ARG B 67 27.57 -8.19 0.99
CA ARG B 67 26.13 -7.94 0.87
C ARG B 67 25.82 -6.45 0.78
N ILE B 68 26.66 -5.60 1.36
CA ILE B 68 26.49 -4.15 1.18
C ILE B 68 26.70 -3.77 -0.28
N MET B 69 27.77 -4.28 -0.89
CA MET B 69 28.01 -3.97 -2.29
C MET B 69 26.92 -4.56 -3.18
N GLU B 70 26.41 -5.74 -2.82
CA GLU B 70 25.29 -6.32 -3.54
C GLU B 70 24.06 -5.41 -3.50
N GLN B 71 23.84 -4.71 -2.38
CA GLN B 71 22.70 -3.79 -2.32
C GLN B 71 22.88 -2.64 -3.31
N PHE B 72 24.07 -2.05 -3.35
CA PHE B 72 24.35 -1.02 -4.35
C PHE B 72 24.08 -1.53 -5.76
N ASN B 73 24.63 -2.70 -6.08
CA ASN B 73 24.50 -3.22 -7.45
C ASN B 73 23.05 -3.52 -7.79
N SER B 74 22.31 -4.15 -6.87
CA SER B 74 20.90 -4.45 -7.10
C SER B 74 20.11 -3.17 -7.36
N ARG B 75 20.45 -2.08 -6.67
CA ARG B 75 19.73 -0.83 -6.84
C ARG B 75 20.33 0.05 -7.91
N SER B 76 21.30 -0.46 -8.66
CA SER B 76 22.01 0.30 -9.69
C SER B 76 22.55 1.64 -9.16
N VAL B 77 23.15 1.60 -7.97
CA VAL B 77 23.77 2.78 -7.37
C VAL B 77 25.28 2.57 -7.36
N ALA B 78 26.02 3.59 -7.78
CA ALA B 78 27.48 3.46 -7.87
C ALA B 78 28.10 3.19 -6.50
N ILE B 79 29.12 2.33 -6.48
CA ILE B 79 29.79 2.01 -5.22
C ILE B 79 30.67 3.19 -4.79
N PRO B 80 30.53 3.71 -3.58
CA PRO B 80 31.35 4.86 -3.17
C PRO B 80 32.77 4.45 -2.80
N GLY B 81 33.63 5.45 -2.71
CA GLY B 81 34.96 5.26 -2.16
C GLY B 81 34.90 5.03 -0.66
N GLY B 82 36.06 4.73 -0.09
CA GLY B 82 36.15 4.58 1.34
C GLY B 82 35.64 3.27 1.89
N ILE B 83 35.47 2.25 1.05
CA ILE B 83 34.98 0.97 1.55
C ILE B 83 36.02 0.32 2.45
N ASN B 84 37.31 0.63 2.23
CA ASN B 84 38.36 0.11 3.10
C ASN B 84 38.04 0.39 4.56
N THR B 85 37.55 1.61 4.85
CA THR B 85 37.31 1.97 6.25
C THR B 85 36.16 1.19 6.88
N ILE B 86 35.12 0.87 6.10
CA ILE B 86 34.01 0.13 6.69
C ILE B 86 34.30 -1.36 6.81
N SER B 87 35.42 -1.82 6.27
CA SER B 87 35.71 -3.24 6.16
C SER B 87 36.61 -3.73 7.30
N GLY B 88 36.50 -5.02 7.60
CA GLY B 88 37.40 -5.64 8.54
C GLY B 88 36.81 -5.77 9.92
N PRO B 89 37.49 -6.51 10.80
CA PRO B 89 36.92 -6.78 12.13
C PRO B 89 36.76 -5.50 12.94
N THR B 90 35.66 -5.44 13.69
CA THR B 90 35.50 -4.44 14.72
C THR B 90 35.84 -5.07 16.06
N ASP B 91 35.97 -4.22 17.09
CA ASP B 91 36.11 -4.76 18.43
C ASP B 91 34.76 -5.10 19.05
N GLY B 92 33.68 -5.01 18.27
CA GLY B 92 32.35 -5.38 18.73
C GLY B 92 31.58 -4.29 19.45
N THR B 93 32.19 -3.15 19.72
CA THR B 93 31.47 -2.08 20.39
C THR B 93 30.62 -1.30 19.39
N CYS B 94 29.57 -0.66 19.92
CA CYS B 94 28.80 0.27 19.11
C CYS B 94 29.70 1.37 18.58
N LYS B 95 30.58 1.90 19.43
CA LYS B 95 31.47 2.98 19.05
C LYS B 95 32.30 2.61 17.82
N ASP B 96 32.92 1.42 17.83
CA ASP B 96 33.83 1.06 16.73
C ASP B 96 33.07 0.90 15.42
N ILE B 97 31.89 0.29 15.47
CA ILE B 97 31.08 0.11 14.27
C ILE B 97 30.61 1.47 13.74
N TYR B 98 30.24 2.37 14.65
CA TYR B 98 29.91 3.73 14.22
C TYR B 98 31.12 4.42 13.61
N ASP B 99 32.27 4.32 14.29
CA ASP B 99 33.48 4.98 13.81
C ASP B 99 33.89 4.48 12.42
N LYS B 100 33.66 3.19 12.15
CA LYS B 100 34.00 2.65 10.83
C LYS B 100 33.01 3.06 9.76
N THR B 101 31.79 3.44 10.16
CA THR B 101 30.64 3.69 9.30
C THR B 101 30.42 5.17 8.99
N ILE B 102 30.78 6.08 9.89
CA ILE B 102 30.15 7.40 9.89
C ILE B 102 30.62 8.26 8.71
N ASN B 103 31.93 8.23 8.38
CA ASN B 103 32.38 9.03 7.24
C ASN B 103 31.75 8.53 5.95
N PHE B 104 31.71 7.21 5.78
CA PHE B 104 31.03 6.58 4.64
C PHE B 104 29.58 7.01 4.55
N PHE B 105 28.87 7.03 5.68
CA PHE B 105 27.49 7.49 5.68
C PHE B 105 27.39 8.98 5.29
N ASN B 106 28.14 9.83 6.00
CA ASN B 106 27.95 11.28 5.88
C ASN B 106 28.32 11.77 4.48
N ASN B 107 29.24 11.10 3.81
CA ASN B 107 29.65 11.51 2.49
C ASN B 107 28.81 10.91 1.38
N ASN B 108 27.81 10.07 1.71
CA ASN B 108 27.04 9.36 0.68
C ASN B 108 25.59 9.21 1.09
N VAL B 109 25.00 10.22 1.74
CA VAL B 109 23.68 10.06 2.34
C VAL B 109 22.64 9.73 1.27
N ASN B 110 22.58 10.55 0.22
CA ASN B 110 21.53 10.38 -0.77
C ASN B 110 21.64 9.02 -1.46
N ASP B 111 22.86 8.61 -1.80
CA ASP B 111 23.07 7.33 -2.46
C ASP B 111 22.70 6.18 -1.54
N LEU B 112 23.03 6.29 -0.25
CA LEU B 112 22.67 5.24 0.69
C LEU B 112 21.16 5.20 0.91
N ARG B 113 20.51 6.36 0.94
CA ARG B 113 19.05 6.37 1.06
C ARG B 113 18.40 5.73 -0.16
N THR B 114 18.94 5.99 -1.35
CA THR B 114 18.44 5.31 -2.56
C THR B 114 18.61 3.80 -2.43
N ALA B 115 19.80 3.35 -2.03
CA ALA B 115 20.08 1.92 -2.00
C ALA B 115 19.23 1.19 -0.98
N PHE B 116 18.89 1.83 0.14
CA PHE B 116 18.16 1.17 1.21
C PHE B 116 16.74 1.69 1.37
N TYR B 117 16.17 2.26 0.31
CA TYR B 117 14.78 2.70 0.29
C TYR B 117 14.48 3.69 1.44
N GLY B 118 15.40 4.63 1.65
CA GLY B 118 15.26 5.62 2.70
C GLY B 118 14.68 6.93 2.21
N ILE B 119 14.11 6.91 1.02
CA ILE B 119 13.42 8.05 0.42
C ILE B 119 11.96 7.66 0.28
N LYS B 120 11.06 8.53 0.75
CA LYS B 120 9.64 8.20 0.81
C LYS B 120 9.11 7.77 -0.55
N LYS B 121 9.45 8.51 -1.60
CA LYS B 121 8.95 8.20 -2.94
C LYS B 121 9.32 6.79 -3.37
N LEU B 122 10.59 6.41 -3.17
CA LEU B 122 11.06 5.10 -3.62
C LEU B 122 10.48 3.97 -2.77
N SER B 123 10.39 4.19 -1.45
CA SER B 123 9.80 3.16 -0.60
C SER B 123 8.32 2.97 -0.92
N ASP B 124 7.60 4.08 -1.09
CA ASP B 124 6.18 4.02 -1.44
C ASP B 124 5.97 3.24 -2.73
N GLU B 125 6.79 3.54 -3.74
CA GLU B 125 6.64 2.87 -5.03
C GLU B 125 6.97 1.39 -4.93
N TRP B 126 7.96 1.02 -4.11
CA TRP B 126 8.26 -0.39 -3.91
C TRP B 126 7.05 -1.13 -3.36
N PHE B 127 6.42 -0.58 -2.30
CA PHE B 127 5.24 -1.23 -1.74
C PHE B 127 4.12 -1.34 -2.78
N THR B 128 3.88 -0.28 -3.56
CA THR B 128 2.83 -0.33 -4.56
C THR B 128 3.04 -1.47 -5.55
N GLN B 129 4.29 -1.73 -5.91
CA GLN B 129 4.65 -2.77 -6.87
C GLN B 129 4.81 -4.15 -6.25
N ASN B 130 4.64 -4.30 -4.94
CA ASN B 130 4.83 -5.60 -4.27
C ASN B 130 3.67 -5.84 -3.31
N SER B 131 2.48 -6.07 -3.88
CA SER B 131 1.27 -6.18 -3.06
C SER B 131 1.23 -7.42 -2.19
N ASN B 132 2.10 -8.42 -2.44
CA ASN B 132 2.17 -9.58 -1.57
C ASN B 132 3.01 -9.35 -0.32
N THR B 133 3.53 -8.13 -0.13
CA THR B 133 4.21 -7.75 1.10
C THR B 133 3.28 -6.84 1.89
N LYS B 134 3.26 -7.03 3.22
CA LYS B 134 2.36 -6.28 4.07
C LYS B 134 2.53 -4.78 3.83
N PRO B 135 1.49 -4.08 3.43
CA PRO B 135 1.62 -2.63 3.21
C PRO B 135 1.78 -1.88 4.52
N LYS B 136 2.37 -0.69 4.42
CA LYS B 136 2.36 0.23 5.54
C LYS B 136 0.93 0.62 5.86
N GLY B 137 0.64 0.75 7.16
CA GLY B 137 -0.69 1.06 7.61
C GLY B 137 -1.57 -0.15 7.90
N THR B 138 -1.19 -1.33 7.44
CA THR B 138 -1.95 -2.55 7.66
C THR B 138 -1.32 -3.38 8.78
N LYS B 139 -2.16 -3.89 9.67
CA LYS B 139 -1.69 -4.73 10.77
C LYS B 139 -1.25 -6.09 10.26
N ILE B 140 -0.25 -6.66 10.93
CA ILE B 140 0.23 -7.99 10.60
C ILE B 140 -0.89 -9.02 10.67
N SER B 141 -1.72 -8.96 11.72
CA SER B 141 -2.78 -9.94 11.87
C SER B 141 -3.75 -9.89 10.68
N ASP B 142 -4.21 -8.69 10.32
CA ASP B 142 -5.14 -8.55 9.21
C ASP B 142 -4.51 -9.01 7.90
N PHE B 143 -3.27 -8.59 7.64
CA PHE B 143 -2.61 -8.99 6.40
C PHE B 143 -2.44 -10.51 6.35
N CYS B 144 -1.88 -11.10 7.41
CA CYS B 144 -1.60 -12.53 7.42
C CYS B 144 -2.84 -13.39 7.52
N ASN B 145 -3.96 -12.86 8.05
CA ASN B 145 -5.20 -13.62 8.09
C ASN B 145 -5.83 -13.77 6.71
N ALA B 146 -5.35 -13.04 5.71
CA ALA B 146 -5.91 -13.11 4.37
C ALA B 146 -5.12 -14.10 3.52
N GLU B 147 -5.80 -14.63 2.50
CA GLU B 147 -5.15 -15.43 1.44
C GLU B 147 -4.44 -16.66 1.99
N ASN B 148 -4.90 -17.17 3.13
CA ASN B 148 -4.34 -18.36 3.76
C ASN B 148 -2.84 -18.24 3.99
N ARG B 149 -2.37 -17.02 4.26
CA ARG B 149 -0.93 -16.82 4.39
C ARG B 149 -0.36 -17.55 5.60
N GLU B 150 -1.15 -17.72 6.67
CA GLU B 150 -0.64 -18.35 7.87
C GLU B 150 -0.31 -19.82 7.68
N LYS B 151 -0.87 -20.46 6.64
CA LYS B 151 -0.59 -21.87 6.40
C LYS B 151 0.82 -22.10 5.89
N GLY B 152 1.45 -21.09 5.32
CA GLY B 152 2.84 -21.20 4.89
C GLY B 152 3.06 -22.19 3.77
N GLY B 153 2.07 -22.39 2.91
CA GLY B 153 2.16 -23.38 1.86
C GLY B 153 2.01 -24.81 2.34
N ALA B 154 1.77 -25.01 3.63
CA ALA B 154 1.49 -26.34 4.17
C ALA B 154 0.25 -26.25 5.05
N ASP B 155 0.38 -26.59 6.34
CA ASP B 155 -0.74 -26.54 7.26
C ASP B 155 -0.30 -25.94 8.59
N CYS B 156 0.35 -24.78 8.52
CA CYS B 156 0.78 -24.10 9.72
C CYS B 156 -0.28 -23.11 10.19
N GLN B 157 -0.03 -22.51 11.36
CA GLN B 157 -0.98 -21.58 11.97
C GLN B 157 -0.49 -20.15 12.02
N HIS B 158 0.82 -19.91 11.99
CA HIS B 158 1.37 -18.58 12.18
C HIS B 158 2.58 -18.33 11.29
N ALA B 159 2.62 -18.96 10.10
CA ALA B 159 3.80 -18.83 9.25
C ALA B 159 4.01 -17.38 8.81
N CYS B 160 2.93 -16.70 8.44
CA CYS B 160 3.06 -15.32 8.01
C CYS B 160 3.36 -14.40 9.19
N SER B 161 2.61 -14.56 10.29
CA SER B 161 2.78 -13.66 11.43
C SER B 161 4.17 -13.77 12.04
N ALA B 162 4.70 -14.99 12.15
CA ALA B 162 6.04 -15.15 12.70
C ALA B 162 7.10 -14.47 11.84
N TYR B 163 6.91 -14.45 10.52
CA TYR B 163 7.86 -13.74 9.66
C TYR B 163 7.79 -12.23 9.91
N TYR B 164 6.58 -11.66 9.93
CA TYR B 164 6.47 -10.20 10.06
C TYR B 164 6.78 -9.71 11.48
N TYR B 165 6.61 -10.56 12.49
CA TYR B 165 7.15 -10.28 13.82
C TYR B 165 8.66 -10.47 13.90
N ARG B 166 9.29 -10.94 12.82
CA ARG B 166 10.72 -11.27 12.78
C ARG B 166 11.12 -12.22 13.91
N LEU B 167 10.27 -13.23 14.15
CA LEU B 167 10.72 -14.39 14.92
C LEU B 167 11.53 -15.34 14.06
N VAL B 168 11.19 -15.43 12.77
CA VAL B 168 11.94 -16.24 11.81
C VAL B 168 12.17 -15.38 10.59
N ASP B 169 13.16 -15.76 9.80
CA ASP B 169 13.44 -15.01 8.59
C ASP B 169 12.59 -15.58 7.44
N GLU B 170 12.87 -15.10 6.23
CA GLU B 170 12.14 -15.49 5.04
C GLU B 170 12.37 -16.96 4.68
N ASP B 171 13.27 -17.65 5.39
CA ASP B 171 13.60 -19.06 5.18
C ASP B 171 13.16 -19.94 6.35
N ASN B 172 12.28 -19.44 7.22
CA ASN B 172 11.82 -20.15 8.41
C ASN B 172 12.98 -20.55 9.32
N GLU B 173 14.03 -19.76 9.35
CA GLU B 173 15.05 -19.91 10.38
C GLU B 173 14.89 -18.84 11.45
N PRO B 174 15.04 -19.18 12.73
CA PRO B 174 14.88 -18.16 13.79
C PRO B 174 15.87 -17.02 13.63
N ILE B 175 15.42 -15.82 13.98
CA ILE B 175 16.27 -14.62 13.96
C ILE B 175 16.90 -14.53 15.35
N HIS B 176 18.16 -14.99 15.46
CA HIS B 176 18.77 -15.28 16.76
C HIS B 176 18.98 -14.03 17.61
N PHE B 177 19.20 -12.87 16.99
CA PHE B 177 19.52 -11.65 17.71
C PHE B 177 18.30 -10.83 18.14
N ARG B 178 17.09 -11.28 17.80
CA ARG B 178 15.88 -10.50 18.07
C ARG B 178 15.81 -10.12 19.55
N ASN B 179 15.40 -8.88 19.81
CA ASN B 179 15.35 -8.32 21.15
C ASN B 179 13.90 -7.97 21.43
N LEU B 180 13.27 -8.73 22.32
CA LEU B 180 11.92 -8.48 22.78
C LEU B 180 11.86 -8.13 24.26
N ASN B 181 13.00 -7.68 24.82
CA ASN B 181 13.08 -7.36 26.24
C ASN B 181 11.97 -6.39 26.68
N ILE B 182 11.72 -5.33 25.89
CA ILE B 182 10.72 -4.36 26.31
C ILE B 182 9.32 -4.96 26.34
N LEU B 183 9.09 -6.03 25.59
CA LEU B 183 7.79 -6.71 25.55
C LEU B 183 7.67 -7.76 26.64
N GLY B 184 8.65 -7.88 27.52
CA GLY B 184 8.62 -8.86 28.58
C GLY B 184 9.24 -10.20 28.26
N ILE B 185 10.03 -10.29 27.20
CA ILE B 185 10.73 -11.52 26.82
C ILE B 185 12.21 -11.28 27.04
N THR B 186 12.79 -11.98 28.02
CA THR B 186 14.22 -11.81 28.30
C THR B 186 15.04 -12.50 27.22
N ASP B 187 16.34 -12.16 27.18
CA ASP B 187 17.25 -12.82 26.25
C ASP B 187 17.27 -14.32 26.47
N GLU B 188 17.26 -14.76 27.74
CA GLU B 188 17.25 -16.19 28.02
C GLU B 188 15.95 -16.83 27.51
N GLN B 189 14.83 -16.16 27.72
CA GLN B 189 13.56 -16.70 27.24
C GLN B 189 13.55 -16.82 25.73
N PHE B 190 14.01 -15.78 25.02
CA PHE B 190 13.99 -15.87 23.57
C PHE B 190 14.94 -16.96 23.07
N ALA B 191 16.13 -17.07 23.70
CA ALA B 191 17.05 -18.15 23.34
C ALA B 191 16.41 -19.52 23.52
N SER B 192 15.61 -19.70 24.58
CA SER B 192 14.97 -20.98 24.78
C SER B 192 13.95 -21.29 23.69
N CYS B 193 13.30 -20.26 23.14
CA CYS B 193 12.40 -20.47 22.01
C CYS B 193 13.17 -20.87 20.76
N VAL B 194 14.28 -20.17 20.47
CA VAL B 194 15.15 -20.53 19.36
C VAL B 194 15.61 -21.97 19.50
N LYS B 195 16.07 -22.34 20.68
CA LYS B 195 16.55 -23.70 20.89
C LYS B 195 15.43 -24.71 20.68
N ALA B 196 14.21 -24.40 21.15
CA ALA B 196 13.11 -25.35 21.01
C ALA B 196 12.66 -25.51 19.57
N SER B 197 13.00 -24.55 18.70
CA SER B 197 12.67 -24.61 17.28
C SER B 197 13.81 -25.25 16.51
N ASN B 199 15.28 -28.13 15.55
CA ASN B 199 15.11 -29.40 14.85
C ASN B 199 13.85 -29.44 13.98
N LYS B 200 13.01 -28.40 14.06
CA LYS B 200 11.78 -28.37 13.30
C LYS B 200 12.05 -27.98 11.85
N GLN B 201 11.10 -28.30 10.97
CA GLN B 201 11.27 -28.11 9.54
C GLN B 201 10.20 -27.19 8.98
N GLY B 202 10.61 -26.32 8.06
CA GLY B 202 9.65 -25.46 7.37
C GLY B 202 8.92 -24.57 8.35
N CYS B 203 7.65 -24.29 8.05
CA CYS B 203 6.91 -23.32 8.84
C CYS B 203 6.59 -23.81 10.24
N LYS B 204 6.84 -25.09 10.55
CA LYS B 204 6.73 -25.55 11.93
C LYS B 204 7.74 -24.83 12.83
N VAL B 205 8.85 -24.35 12.28
CA VAL B 205 9.75 -23.49 13.06
C VAL B 205 9.04 -22.21 13.44
N ALA B 206 8.38 -21.57 12.46
CA ALA B 206 7.63 -20.34 12.72
C ALA B 206 6.56 -20.55 13.79
N ASP B 207 5.79 -21.62 13.68
CA ASP B 207 4.74 -21.88 14.66
C ASP B 207 5.32 -22.12 16.05
N THR B 208 6.42 -22.89 16.12
CA THR B 208 7.05 -23.14 17.41
C THR B 208 7.54 -21.84 18.04
N MET B 209 8.16 -20.98 17.25
CA MET B 209 8.63 -19.70 17.77
C MET B 209 7.46 -18.84 18.25
N TYR B 210 6.40 -18.75 17.44
CA TYR B 210 5.23 -17.97 17.82
C TYR B 210 4.63 -18.50 19.11
N ASN B 211 4.39 -19.81 19.17
CA ASN B 211 3.75 -20.41 20.34
C ASN B 211 4.62 -20.23 21.58
N CYS B 212 5.94 -20.34 21.41
CA CYS B 212 6.84 -20.24 22.55
C CYS B 212 6.85 -18.83 23.11
N VAL B 213 6.97 -17.83 22.25
CA VAL B 213 6.98 -16.44 22.69
C VAL B 213 5.67 -16.10 23.40
N GLU B 214 4.54 -16.49 22.79
CA GLU B 214 3.26 -16.20 23.41
C GLU B 214 3.10 -16.93 24.75
N LYS B 215 3.72 -18.10 24.89
CA LYS B 215 3.67 -18.77 26.18
C LYS B 215 4.43 -17.97 27.23
N HIS B 216 5.55 -17.35 26.85
CA HIS B 216 6.32 -16.57 27.81
C HIS B 216 5.56 -15.31 28.22
N ASN B 217 4.91 -14.64 27.27
CA ASN B 217 4.17 -13.42 27.61
C ASN B 217 3.07 -13.24 26.56
N SER B 218 1.81 -13.26 27.00
CA SER B 218 0.69 -13.27 26.07
C SER B 218 0.48 -11.92 25.39
N GLN B 219 1.07 -10.85 25.90
CA GLN B 219 0.86 -9.52 25.33
C GLN B 219 1.96 -9.10 24.35
N ALA B 220 3.11 -9.79 24.36
CA ALA B 220 4.24 -9.35 23.55
C ALA B 220 3.91 -9.32 22.06
N LEU B 221 3.28 -10.38 21.56
CA LEU B 221 2.98 -10.40 20.13
C LEU B 221 1.81 -9.46 19.81
N LYS B 222 0.91 -9.23 20.76
CA LYS B 222 -0.16 -8.28 20.53
C LYS B 222 0.38 -6.86 20.43
N ILE B 223 1.42 -6.54 21.21
CA ILE B 223 2.04 -5.22 21.10
C ILE B 223 2.70 -5.04 19.73
N LEU B 224 3.45 -6.06 19.27
CA LEU B 224 4.04 -5.98 17.93
C LEU B 224 2.96 -5.80 16.88
N ASP B 225 1.84 -6.51 17.01
CA ASP B 225 0.76 -6.37 16.04
C ASP B 225 0.18 -4.96 16.07
N ASN B 226 0.01 -4.39 17.28
CA ASN B 226 -0.52 -3.04 17.41
C ASN B 226 0.43 -2.01 16.81
N GLN B 227 1.74 -2.24 16.92
CA GLN B 227 2.74 -1.35 16.34
C GLN B 227 2.93 -1.56 14.84
N SER B 228 2.43 -2.66 14.29
CA SER B 228 2.81 -3.15 12.97
C SER B 228 2.39 -2.29 11.77
N PRO B 229 1.33 -1.47 11.85
CA PRO B 229 1.05 -0.58 10.71
C PRO B 229 2.24 0.29 10.32
N THR B 230 3.00 0.75 11.30
CA THR B 230 4.21 1.53 11.07
C THR B 230 5.47 0.80 11.53
N TYR B 231 5.34 -0.42 12.06
CA TYR B 231 6.37 -1.03 12.88
C TYR B 231 6.72 -0.09 14.05
C25 TRT C . -25.89 5.00 -0.09
O24 TRT C . -25.53 3.66 -0.42
C23 TRT C . -25.65 3.36 -1.82
C22 TRT C . -24.86 2.09 -2.11
O21 TRT C . -25.15 1.50 -3.38
C20 TRT C . -23.97 0.88 -3.90
C19 TRT C . -24.34 -0.25 -4.85
O18 TRT C . -24.73 0.27 -6.11
C17 TRT C . -25.92 -0.33 -6.52
C16 TRT C . -25.65 -1.41 -7.57
O15 TRT C . -25.69 -0.85 -8.88
C12 TRT C . -25.07 -1.51 -9.92
C13 TRT C . -24.98 -2.91 -9.90
C14 TRT C . -24.35 -3.57 -10.95
C11 TRT C . -24.54 -0.79 -10.98
C10 TRT C . -23.92 -1.45 -12.03
C9 TRT C . -23.81 -2.84 -12.02
C6 TRT C . -23.13 -3.53 -13.16
C8 TRT C . -24.24 -4.10 -14.05
C7 TRT C . -22.37 -2.52 -14.00
C5 TRT C . -22.27 -4.73 -12.65
C1 TRT C . -20.94 -4.54 -11.90
C2 TRT C . -20.93 -3.45 -10.85
C4 TRT C . -20.64 -5.86 -11.19
C3 TRT C . -19.76 -4.28 -12.83
C25 TRT D . 8.17 7.25 11.20
O24 TRT D . 9.11 6.88 10.19
C23 TRT D . 10.47 6.85 10.65
C22 TRT D . 11.39 6.63 9.46
O21 TRT D . 12.71 6.24 9.84
C20 TRT D . 13.68 7.05 9.21
C19 TRT D . 14.90 6.27 8.73
O18 TRT D . 15.76 5.92 9.81
C17 TRT D . 16.57 7.04 10.19
C16 TRT D . 18.00 6.92 9.70
O15 TRT D . 18.81 6.16 10.62
C12 TRT D . 19.92 5.51 10.14
C13 TRT D . 20.59 6.01 9.03
C14 TRT D . 21.72 5.32 8.54
C11 TRT D . 20.37 4.34 10.75
C10 TRT D . 21.48 3.66 10.26
C9 TRT D . 22.17 4.15 9.13
C6 TRT D . 23.37 3.40 8.61
C8 TRT D . 24.57 4.21 9.11
C7 TRT D . 23.48 2.02 9.24
C5 TRT D . 23.44 3.37 7.07
C1 TRT D . 22.51 2.50 6.20
C2 TRT D . 21.06 2.47 6.65
C4 TRT D . 22.55 3.05 4.79
C3 TRT D . 22.97 1.04 6.06
#